data_6O9A
#
_entry.id   6O9A
#
_cell.length_a   143.102
_cell.length_b   151.619
_cell.length_c   75.035
_cell.angle_alpha   90.000
_cell.angle_beta   90.000
_cell.angle_gamma   90.000
#
_symmetry.space_group_name_H-M   'C 2 2 2'
#
loop_
_entity.id
_entity.type
_entity.pdbx_description
1 polymer 'Chorismate dehydratase'
2 non-polymer 'ACETATE ION'
3 non-polymer '3-HYDROXYBENZOIC ACID'
4 water water
#
_entity_poly.entity_id   1
_entity_poly.type   'polypeptide(L)'
_entity_poly.pdbx_seq_one_letter_code
;MGSDKIHHHHHHSSGENLYFQGHMTNHHPSSTGPQHPYRAGWIHFTNVAPILDSLELPPGVTAITGVPTQMNAALLSGEV
DIANVSAVEFIRHADTLAALPDFSVAVLGPVYSVNLFHTCPLPELRRVALTSQSAMSVALLEVLLRQKGLSPVLERAEGT
AESLLAAGYDGVLRIGDDALREWYGVVGPLTPERTMTSLPHTGRGITVTDLAQEWFDLTGHPFTFAVWAYRKDNPPPAAL
LQAMREARRRGIGHLAEVSQRHAEKLGLPERVVQHYLWNFRYHLEAPDRLGLREFADLAVPGHAELTFGAREEA
;
_entity_poly.pdbx_strand_id   A,B
#
loop_
_chem_comp.id
_chem_comp.type
_chem_comp.name
_chem_comp.formula
3HB non-polymer '3-HYDROXYBENZOIC ACID' 'C7 H6 O3'
ACT non-polymer 'ACETATE ION' 'C2 H3 O2 -1'
#
# COMPACT_ATOMS: atom_id res chain seq x y z
N TYR A 38 -6.00 -20.46 15.99
CA TYR A 38 -4.71 -19.93 16.45
C TYR A 38 -4.86 -18.48 16.87
N ARG A 39 -4.43 -18.15 18.09
CA ARG A 39 -4.60 -16.81 18.63
C ARG A 39 -3.24 -16.10 18.75
N ALA A 40 -3.23 -14.82 18.41
CA ALA A 40 -2.03 -14.00 18.46
C ALA A 40 -2.23 -12.84 19.42
N GLY A 41 -1.20 -12.57 20.23
CA GLY A 41 -1.21 -11.41 21.08
C GLY A 41 -0.21 -10.36 20.62
N TRP A 42 -0.71 -9.23 20.15
CA TRP A 42 0.15 -8.16 19.67
C TRP A 42 0.28 -7.06 20.72
N ILE A 43 1.45 -6.44 20.74
CA ILE A 43 1.69 -5.21 21.49
C ILE A 43 1.86 -4.09 20.48
N HIS A 44 1.12 -3.00 20.65
CA HIS A 44 1.04 -1.98 19.61
C HIS A 44 1.94 -0.79 19.93
N PHE A 45 3.23 -1.08 20.07
CA PHE A 45 4.23 -0.03 20.09
C PHE A 45 4.38 0.55 18.69
N THR A 46 4.76 1.83 18.62
CA THR A 46 4.98 2.43 17.31
C THR A 46 6.05 1.66 16.52
N ASN A 47 7.06 1.08 17.20
CA ASN A 47 8.13 0.46 16.43
C ASN A 47 7.75 -0.86 15.76
N VAL A 48 6.55 -1.41 15.97
CA VAL A 48 6.09 -2.55 15.17
C VAL A 48 5.00 -2.16 14.17
N ALA A 49 4.68 -0.86 14.07
CA ALA A 49 3.70 -0.41 13.08
C ALA A 49 4.04 -0.82 11.64
N PRO A 50 5.30 -0.83 11.20
CA PRO A 50 5.55 -1.29 9.83
C PRO A 50 5.07 -2.71 9.60
N ILE A 51 5.06 -3.54 10.64
CA ILE A 51 4.61 -4.93 10.51
C ILE A 51 3.11 -5.05 10.71
N LEU A 52 2.52 -4.30 11.66
CA LEU A 52 1.16 -4.55 12.13
C LEU A 52 0.10 -3.66 11.53
N ASP A 53 0.45 -2.48 11.00
CA ASP A 53 -0.59 -1.55 10.58
C ASP A 53 -1.43 -2.11 9.43
N SER A 54 -0.82 -2.83 8.49
CA SER A 54 -1.56 -3.37 7.35
C SER A 54 -1.75 -4.87 7.43
N LEU A 55 -1.54 -5.47 8.60
CA LEU A 55 -1.66 -6.92 8.73
C LEU A 55 -3.09 -7.36 8.51
N GLU A 56 -3.25 -8.44 7.74
CA GLU A 56 -4.56 -9.04 7.48
C GLU A 56 -4.48 -10.49 7.91
N LEU A 57 -5.16 -10.81 9.02
CA LEU A 57 -5.14 -12.16 9.55
C LEU A 57 -5.76 -13.11 8.53
N PRO A 58 -5.16 -14.27 8.32
CA PRO A 58 -5.76 -15.25 7.41
C PRO A 58 -6.96 -15.92 8.04
N PRO A 59 -7.74 -16.68 7.28
CA PRO A 59 -8.86 -17.41 7.89
C PRO A 59 -8.36 -18.34 8.98
N GLY A 60 -9.02 -18.27 10.13
CA GLY A 60 -8.68 -19.16 11.23
C GLY A 60 -7.63 -18.65 12.18
N VAL A 61 -7.37 -17.34 12.20
CA VAL A 61 -6.44 -16.74 13.14
C VAL A 61 -7.11 -15.49 13.68
N THR A 62 -7.11 -15.35 15.00
CA THR A 62 -7.60 -14.13 15.62
C THR A 62 -6.46 -13.49 16.41
N ALA A 63 -6.66 -12.22 16.76
CA ALA A 63 -5.62 -11.48 17.46
C ALA A 63 -6.25 -10.63 18.55
N ILE A 64 -5.55 -10.49 19.67
CA ILE A 64 -5.90 -9.54 20.71
C ILE A 64 -4.71 -8.60 20.90
N THR A 65 -5.00 -7.42 21.45
CA THR A 65 -3.98 -6.44 21.79
C THR A 65 -3.97 -6.23 23.29
N GLY A 66 -2.86 -5.70 23.81
CA GLY A 66 -2.74 -5.51 25.24
C GLY A 66 -1.34 -5.05 25.61
N VAL A 67 -1.18 -4.79 26.91
CA VAL A 67 0.09 -4.31 27.46
C VAL A 67 1.11 -5.44 27.44
N PRO A 68 2.40 -5.14 27.31
CA PRO A 68 3.43 -6.20 27.36
C PRO A 68 3.29 -7.12 28.56
N THR A 69 2.85 -6.60 29.70
CA THR A 69 2.59 -7.45 30.87
C THR A 69 1.64 -8.58 30.52
N GLN A 70 0.51 -8.26 29.89
CA GLN A 70 -0.55 -9.24 29.67
C GLN A 70 -0.20 -10.23 28.56
N MET A 71 0.49 -9.77 27.52
CA MET A 71 0.87 -10.68 26.43
C MET A 71 1.81 -11.76 26.94
N ASN A 72 2.81 -11.38 27.75
CA ASN A 72 3.66 -12.36 28.41
C ASN A 72 2.82 -13.39 29.17
N ALA A 73 1.89 -12.91 29.99
CA ALA A 73 1.02 -13.81 30.73
C ALA A 73 0.17 -14.64 29.78
N ALA A 74 -0.41 -13.99 28.76
CA ALA A 74 -1.31 -14.69 27.85
C ALA A 74 -0.58 -15.80 27.10
N LEU A 75 0.70 -15.61 26.78
CA LEU A 75 1.41 -16.61 25.98
C LEU A 75 1.70 -17.87 26.80
N LEU A 76 2.12 -17.69 28.06
CA LEU A 76 2.43 -18.85 28.90
C LEU A 76 1.17 -19.64 29.24
N SER A 77 0.09 -18.95 29.62
CA SER A 77 -1.12 -19.64 30.07
C SER A 77 -1.85 -20.36 28.94
N GLY A 78 -1.61 -19.97 27.69
CA GLY A 78 -2.34 -20.52 26.57
C GLY A 78 -3.46 -19.64 26.07
N GLU A 79 -3.67 -18.46 26.68
CA GLU A 79 -4.66 -17.51 26.17
C GLU A 79 -4.37 -17.12 24.73
N VAL A 80 -3.08 -17.00 24.37
CA VAL A 80 -2.66 -16.84 22.99
C VAL A 80 -1.60 -17.88 22.68
N ASP A 81 -1.45 -18.16 21.38
CA ASP A 81 -0.48 -19.11 20.89
C ASP A 81 0.81 -18.47 20.37
N ILE A 82 0.76 -17.19 19.99
CA ILE A 82 1.95 -16.48 19.53
C ILE A 82 1.82 -15.04 19.99
N ALA A 83 2.97 -14.41 20.28
CA ALA A 83 2.98 -13.03 20.74
C ALA A 83 4.37 -12.45 20.52
N ASN A 84 4.45 -11.13 20.34
CA ASN A 84 5.77 -10.50 20.35
C ASN A 84 6.07 -10.09 21.79
N VAL A 85 7.04 -10.78 22.39
CA VAL A 85 7.37 -10.66 23.80
C VAL A 85 8.76 -10.05 23.89
N SER A 86 9.07 -9.51 25.07
CA SER A 86 10.38 -8.95 25.28
C SER A 86 11.46 -10.03 25.15
N ALA A 87 12.67 -9.59 24.83
CA ALA A 87 13.79 -10.52 24.72
C ALA A 87 13.99 -11.30 26.03
N VAL A 88 13.98 -10.59 27.17
CA VAL A 88 14.27 -11.27 28.44
C VAL A 88 13.18 -12.29 28.78
N GLU A 89 11.95 -12.02 28.38
CA GLU A 89 10.89 -13.02 28.54
C GLU A 89 11.13 -14.24 27.66
N PHE A 90 11.55 -14.03 26.41
CA PHE A 90 11.88 -15.16 25.57
C PHE A 90 13.03 -15.96 26.17
N ILE A 91 14.07 -15.26 26.61
CA ILE A 91 15.27 -15.93 27.12
C ILE A 91 14.93 -16.76 28.35
N ARG A 92 14.14 -16.20 29.28
CA ARG A 92 13.86 -16.90 30.55
C ARG A 92 12.97 -18.12 30.36
N HIS A 93 12.26 -18.22 29.24
CA HIS A 93 11.38 -19.34 28.98
C HIS A 93 11.77 -20.06 27.70
N ALA A 94 13.06 -20.01 27.34
CA ALA A 94 13.56 -20.64 26.13
C ALA A 94 13.51 -22.16 26.19
N ASP A 95 13.29 -22.73 27.39
CA ASP A 95 12.97 -24.14 27.49
C ASP A 95 11.66 -24.46 26.78
N THR A 96 10.63 -23.65 27.01
CA THR A 96 9.28 -23.85 26.52
C THR A 96 9.02 -23.18 25.17
N LEU A 97 9.69 -22.06 24.87
CA LEU A 97 9.32 -21.19 23.77
C LEU A 97 10.35 -21.24 22.66
N ALA A 98 9.86 -21.15 21.42
CA ALA A 98 10.70 -20.85 20.27
C ALA A 98 10.32 -19.48 19.72
N ALA A 99 11.17 -18.95 18.87
CA ALA A 99 10.92 -17.66 18.24
C ALA A 99 10.88 -17.83 16.74
N LEU A 100 10.09 -16.99 16.06
CA LEU A 100 10.15 -17.00 14.61
C LEU A 100 11.57 -16.70 14.16
N PRO A 101 12.04 -17.34 13.09
CA PRO A 101 13.46 -17.18 12.70
C PRO A 101 13.78 -15.82 12.10
N ASP A 102 12.79 -15.05 11.65
CA ASP A 102 13.05 -13.89 10.83
C ASP A 102 12.23 -12.66 11.25
N PHE A 103 11.90 -12.56 12.53
CA PHE A 103 11.18 -11.40 13.05
C PHE A 103 11.85 -10.93 14.33
N SER A 104 12.17 -9.65 14.38
CA SER A 104 12.76 -9.04 15.58
C SER A 104 12.34 -7.59 15.67
N VAL A 105 12.50 -7.05 16.87
CA VAL A 105 12.59 -5.61 17.09
C VAL A 105 13.98 -5.41 17.65
N ALA A 106 14.92 -5.02 16.80
CA ALA A 106 16.32 -4.88 17.18
C ALA A 106 16.83 -3.55 16.65
N VAL A 107 18.03 -3.17 17.08
CA VAL A 107 18.60 -1.89 16.69
C VAL A 107 20.10 -1.94 16.93
N LEU A 108 20.84 -1.15 16.15
CA LEU A 108 22.26 -0.94 16.35
C LEU A 108 22.48 0.55 16.57
N GLY A 109 22.99 0.92 17.74
CA GLY A 109 23.13 2.31 18.09
C GLY A 109 21.93 2.79 18.90
N PRO A 110 21.65 4.10 18.84
CA PRO A 110 20.54 4.64 19.65
C PRO A 110 19.17 4.19 19.15
N VAL A 111 18.29 3.85 20.10
CA VAL A 111 16.93 3.45 19.78
C VAL A 111 15.91 4.57 20.04
N TYR A 112 16.25 5.55 20.89
CA TYR A 112 15.44 6.74 21.18
C TYR A 112 14.19 6.47 22.01
N SER A 113 13.79 5.20 22.18
CA SER A 113 12.62 4.88 22.99
C SER A 113 12.94 3.97 24.16
N VAL A 114 14.20 3.85 24.56
CA VAL A 114 14.59 3.13 25.78
C VAL A 114 15.59 4.03 26.49
N ASN A 115 15.10 4.83 27.44
CA ASN A 115 15.76 6.07 27.84
C ASN A 115 15.87 6.17 29.35
N LEU A 116 17.08 6.48 29.82
CA LEU A 116 17.31 6.80 31.21
C LEU A 116 17.48 8.31 31.29
N PHE A 117 16.46 8.99 31.82
CA PHE A 117 16.49 10.44 32.05
C PHE A 117 17.08 10.72 33.42
N HIS A 118 18.13 11.54 33.48
CA HIS A 118 18.77 11.81 34.76
C HIS A 118 19.24 13.26 34.81
N THR A 119 19.29 13.79 36.05
CA THR A 119 19.73 15.15 36.35
C THR A 119 21.13 15.21 36.95
N CYS A 120 21.76 14.07 37.22
CA CYS A 120 23.12 13.97 37.72
C CYS A 120 23.87 12.93 36.92
N PRO A 121 25.21 12.95 36.96
CA PRO A 121 25.97 11.85 36.33
C PRO A 121 25.60 10.50 36.92
N LEU A 122 25.80 9.46 36.11
CA LEU A 122 25.44 8.09 36.52
C LEU A 122 26.08 7.63 37.83
N PRO A 123 27.37 7.86 38.09
CA PRO A 123 27.93 7.45 39.40
C PRO A 123 27.25 8.11 40.58
N GLU A 124 26.56 9.24 40.39
CA GLU A 124 25.87 9.92 41.48
C GLU A 124 24.43 9.47 41.66
N LEU A 125 23.88 8.66 40.74
CA LEU A 125 22.49 8.25 40.85
C LEU A 125 22.25 7.48 42.13
N ARG A 126 21.25 7.90 42.90
CA ARG A 126 20.91 7.16 44.10
C ARG A 126 19.60 6.40 43.94
N ARG A 127 18.66 6.92 43.16
CA ARG A 127 17.31 6.36 43.10
C ARG A 127 16.78 6.49 41.68
N VAL A 128 16.47 5.37 41.03
CA VAL A 128 15.93 5.36 39.68
C VAL A 128 14.49 4.87 39.71
N ALA A 129 13.60 5.63 39.09
CA ALA A 129 12.19 5.25 38.98
C ALA A 129 11.97 4.41 37.73
N LEU A 130 11.19 3.32 37.87
CA LEU A 130 10.79 2.48 36.75
C LEU A 130 9.30 2.69 36.47
N THR A 131 8.99 3.16 35.27
CA THR A 131 7.62 3.46 34.90
C THR A 131 6.96 2.20 34.32
N SER A 132 5.66 2.31 34.04
CA SER A 132 4.75 1.18 33.83
C SER A 132 5.39 -0.02 33.11
N GLN A 133 5.69 0.15 31.84
CA GLN A 133 6.16 -0.97 31.04
C GLN A 133 7.66 -1.20 31.16
N SER A 134 8.38 -0.37 31.91
CA SER A 134 9.83 -0.36 31.75
C SER A 134 10.52 -1.55 32.42
N ALA A 135 9.76 -2.49 32.98
CA ALA A 135 10.34 -3.66 33.66
C ALA A 135 10.97 -4.66 32.71
N MET A 136 10.71 -4.59 31.41
CA MET A 136 11.42 -5.49 30.50
C MET A 136 12.80 -4.99 30.11
N SER A 137 13.05 -3.69 30.24
CA SER A 137 14.38 -3.14 30.02
C SER A 137 15.12 -2.88 31.32
N VAL A 138 14.58 -3.34 32.46
CA VAL A 138 15.35 -3.28 33.69
C VAL A 138 16.57 -4.20 33.58
N ALA A 139 16.41 -5.36 32.96
CA ALA A 139 17.53 -6.29 32.86
C ALA A 139 18.67 -5.68 32.04
N LEU A 140 18.34 -4.92 30.98
CA LEU A 140 19.40 -4.27 30.24
C LEU A 140 20.01 -3.14 31.04
N LEU A 141 19.19 -2.36 31.74
CA LEU A 141 19.70 -1.29 32.60
C LEU A 141 20.66 -1.85 33.65
N GLU A 142 20.26 -2.95 34.30
CA GLU A 142 21.10 -3.55 35.32
C GLU A 142 22.42 -4.09 34.74
N VAL A 143 22.36 -4.72 33.56
CA VAL A 143 23.62 -5.17 32.95
C VAL A 143 24.55 -3.98 32.73
N LEU A 144 24.02 -2.87 32.21
CA LEU A 144 24.89 -1.70 31.99
C LEU A 144 25.36 -1.10 33.32
N LEU A 145 24.50 -1.08 34.34
CA LEU A 145 24.91 -0.52 35.62
C LEU A 145 25.98 -1.39 36.27
N ARG A 146 25.85 -2.71 36.20
CA ARG A 146 26.87 -3.59 36.78
C ARG A 146 28.22 -3.37 36.13
N GLN A 147 28.27 -3.30 34.80
CA GLN A 147 29.55 -3.16 34.12
C GLN A 147 30.28 -1.89 34.52
N LYS A 148 29.54 -0.86 34.93
CA LYS A 148 30.13 0.34 35.49
C LYS A 148 30.32 0.27 37.01
N GLY A 149 29.95 -0.84 37.64
CA GLY A 149 30.06 -0.94 39.07
C GLY A 149 29.09 -0.09 39.86
N LEU A 150 27.94 0.25 39.27
CA LEU A 150 26.96 1.11 39.91
C LEU A 150 25.76 0.28 40.35
N SER A 151 25.10 0.72 41.44
CA SER A 151 23.91 0.04 41.95
C SER A 151 23.00 1.05 42.66
N PRO A 152 22.35 1.92 41.91
CA PRO A 152 21.30 2.75 42.52
C PRO A 152 20.11 1.88 42.88
N VAL A 153 19.35 2.36 43.86
CA VAL A 153 18.07 1.74 44.19
C VAL A 153 17.08 1.95 43.04
N LEU A 154 16.35 0.90 42.68
CA LEU A 154 15.30 0.97 41.67
C LEU A 154 13.94 0.84 42.34
N GLU A 155 13.00 1.69 41.94
CA GLU A 155 11.66 1.75 42.50
C GLU A 155 10.63 1.85 41.39
N ARG A 156 9.57 1.08 41.50
CA ARG A 156 8.45 1.25 40.59
C ARG A 156 7.71 2.54 40.91
N ALA A 157 7.39 3.29 39.86
CA ALA A 157 6.68 4.56 40.01
C ALA A 157 5.79 4.76 38.79
N GLU A 158 4.93 5.78 38.87
CA GLU A 158 4.04 6.15 37.79
C GLU A 158 4.20 7.65 37.51
N GLY A 159 4.36 8.00 36.25
CA GLY A 159 4.41 9.40 35.85
C GLY A 159 5.36 9.58 34.68
N THR A 160 5.50 10.84 34.29
CA THR A 160 6.45 11.18 33.24
C THR A 160 7.84 11.40 33.85
N ALA A 161 8.85 11.36 32.98
CA ALA A 161 10.22 11.52 33.46
C ALA A 161 10.38 12.85 34.18
N GLU A 162 9.88 13.94 33.57
CA GLU A 162 10.14 15.25 34.16
C GLU A 162 9.41 15.42 35.50
N SER A 163 8.21 14.87 35.63
CA SER A 163 7.52 15.04 36.91
C SER A 163 8.10 14.14 37.98
N LEU A 164 8.52 12.92 37.62
CA LEU A 164 9.18 12.04 38.58
C LEU A 164 10.54 12.58 38.98
N LEU A 165 11.23 13.28 38.08
CA LEU A 165 12.51 13.88 38.48
C LEU A 165 12.33 15.00 39.49
N ALA A 166 11.11 15.53 39.62
CA ALA A 166 10.83 16.54 40.62
C ALA A 166 9.99 15.99 41.76
N ALA A 167 9.87 14.66 41.85
CA ALA A 167 9.12 13.98 42.90
C ALA A 167 9.98 12.94 43.61
N GLY A 168 11.29 13.18 43.71
CA GLY A 168 12.17 12.39 44.55
C GLY A 168 13.10 11.39 43.86
N TYR A 169 13.26 11.45 42.53
CA TYR A 169 14.18 10.57 41.81
C TYR A 169 15.24 11.38 41.07
N ASP A 170 16.47 10.84 41.02
CA ASP A 170 17.53 11.35 40.17
C ASP A 170 17.50 10.76 38.77
N GLY A 171 16.87 9.61 38.60
CA GLY A 171 16.84 8.94 37.32
C GLY A 171 15.48 8.34 37.09
N VAL A 172 15.08 8.29 35.83
CA VAL A 172 13.80 7.73 35.43
C VAL A 172 14.01 6.92 34.17
N LEU A 173 13.55 5.67 34.19
CA LEU A 173 13.59 4.79 33.03
C LEU A 173 12.23 4.81 32.34
N ARG A 174 12.22 5.13 31.04
CA ARG A 174 11.01 5.14 30.23
C ARG A 174 11.26 4.33 28.96
N ILE A 175 10.21 3.64 28.48
CA ILE A 175 10.30 2.87 27.25
C ILE A 175 9.10 3.17 26.36
N GLY A 176 9.20 2.75 25.10
CA GLY A 176 8.04 2.85 24.22
C GLY A 176 7.74 4.26 23.75
N ASP A 177 6.47 4.48 23.41
CA ASP A 177 6.04 5.75 22.81
C ASP A 177 6.30 6.92 23.74
N ASP A 178 6.00 6.75 25.04
CA ASP A 178 6.20 7.84 26.00
C ASP A 178 7.68 8.24 26.08
N ALA A 179 8.56 7.24 26.06
CA ALA A 179 9.99 7.53 26.06
C ALA A 179 10.38 8.38 24.87
N LEU A 180 9.87 8.03 23.67
CA LEU A 180 10.22 8.79 22.47
C LEU A 180 9.71 10.21 22.58
N ARG A 181 8.43 10.38 22.96
CA ARG A 181 7.88 11.73 23.11
C ARG A 181 8.64 12.52 24.16
N GLU A 182 8.98 11.89 25.27
CA GLU A 182 9.65 12.66 26.32
C GLU A 182 11.10 12.93 26.00
N TRP A 183 11.77 12.05 25.27
CA TRP A 183 13.07 12.40 24.71
C TRP A 183 12.96 13.67 23.87
N TYR A 184 11.94 13.72 23.00
CA TYR A 184 11.84 14.87 22.11
C TYR A 184 11.52 16.14 22.89
N GLY A 185 10.65 16.03 23.90
CA GLY A 185 10.36 17.16 24.78
C GLY A 185 11.61 17.72 25.46
N VAL A 186 12.53 16.86 25.88
CA VAL A 186 13.73 17.34 26.55
C VAL A 186 14.68 18.00 25.55
N VAL A 187 15.02 17.31 24.47
CA VAL A 187 16.12 17.73 23.60
C VAL A 187 15.68 18.52 22.38
N GLY A 188 14.40 18.51 22.02
CA GLY A 188 13.91 19.28 20.91
C GLY A 188 13.57 20.70 21.32
N PRO A 189 12.85 21.43 20.44
CA PRO A 189 12.37 20.95 19.14
C PRO A 189 13.45 20.89 18.08
N LEU A 190 13.08 20.29 16.96
CA LEU A 190 13.93 20.18 15.79
C LEU A 190 13.64 21.36 14.87
N THR A 191 14.68 22.00 14.38
CA THR A 191 14.46 23.05 13.40
C THR A 191 14.79 22.53 11.99
N PRO A 192 14.35 23.22 10.93
CA PRO A 192 14.65 22.73 9.57
C PRO A 192 16.13 22.56 9.30
N GLU A 193 16.97 23.49 9.79
CA GLU A 193 18.41 23.39 9.57
C GLU A 193 19.02 22.20 10.32
N ARG A 194 18.47 21.84 11.47
CA ARG A 194 19.01 20.75 12.28
C ARG A 194 18.33 19.44 11.92
N THR A 195 18.99 18.33 12.29
CA THR A 195 18.52 16.99 11.98
C THR A 195 18.37 16.19 13.27
N MET A 196 17.55 15.15 13.20
CA MET A 196 17.26 14.34 14.39
C MET A 196 18.53 13.80 15.02
N THR A 197 19.48 13.35 14.20
CA THR A 197 20.68 12.75 14.76
C THR A 197 21.68 13.77 15.29
N SER A 198 21.51 15.05 14.98
CA SER A 198 22.39 16.10 15.48
C SER A 198 21.85 16.77 16.75
N LEU A 199 20.65 16.39 17.20
CA LEU A 199 20.09 16.95 18.41
C LEU A 199 20.99 16.65 19.62
N PRO A 200 21.06 17.56 20.59
CA PRO A 200 21.85 17.27 21.80
C PRO A 200 21.17 16.16 22.61
N HIS A 201 21.91 15.64 23.57
CA HIS A 201 21.38 14.62 24.47
C HIS A 201 20.98 15.21 25.82
N THR A 202 21.01 16.54 25.95
CA THR A 202 20.70 17.24 27.17
C THR A 202 19.74 18.36 26.87
N GLY A 203 18.89 18.68 27.84
CA GLY A 203 18.07 19.86 27.74
C GLY A 203 17.43 20.15 29.08
N ARG A 204 17.39 21.43 29.46
CA ARG A 204 16.80 21.87 30.72
C ARG A 204 17.39 21.13 31.92
N GLY A 205 18.70 20.89 31.88
CA GLY A 205 19.36 20.18 32.97
C GLY A 205 19.06 18.70 33.06
N ILE A 206 18.47 18.10 32.02
CA ILE A 206 18.15 16.68 31.98
C ILE A 206 18.98 16.02 30.88
N THR A 207 19.68 14.95 31.22
CA THR A 207 20.39 14.16 30.23
C THR A 207 19.60 12.90 29.91
N VAL A 208 19.52 12.58 28.62
CA VAL A 208 18.80 11.41 28.16
C VAL A 208 19.83 10.41 27.69
N THR A 209 20.04 9.37 28.49
CA THR A 209 20.95 8.28 28.17
C THR A 209 20.15 7.17 27.47
N ASP A 210 20.58 6.82 26.26
CA ASP A 210 19.93 5.82 25.42
C ASP A 210 20.56 4.45 25.68
N LEU A 211 19.77 3.51 26.21
CA LEU A 211 20.36 2.23 26.62
C LEU A 211 20.85 1.41 25.43
N ALA A 212 20.24 1.58 24.25
CA ALA A 212 20.75 0.83 23.11
C ALA A 212 22.10 1.37 22.65
N GLN A 213 22.32 2.68 22.75
CA GLN A 213 23.64 3.24 22.49
C GLN A 213 24.65 2.79 23.53
N GLU A 214 24.25 2.81 24.82
CA GLU A 214 25.09 2.25 25.88
C GLU A 214 25.45 0.79 25.61
N TRP A 215 24.50 0.01 25.11
CA TRP A 215 24.82 -1.37 24.76
C TRP A 215 25.81 -1.42 23.61
N PHE A 216 25.71 -0.50 22.64
CA PHE A 216 26.70 -0.51 21.57
C PHE A 216 28.08 -0.13 22.11
N ASP A 217 28.14 0.90 22.97
CA ASP A 217 29.41 1.27 23.60
C ASP A 217 30.03 0.10 24.36
N LEU A 218 29.20 -0.70 25.01
CA LEU A 218 29.70 -1.83 25.79
C LEU A 218 30.13 -3.01 24.92
N THR A 219 29.35 -3.37 23.90
CA THR A 219 29.58 -4.61 23.15
C THR A 219 29.97 -4.43 21.69
N GLY A 220 29.67 -3.27 21.07
CA GLY A 220 29.81 -3.11 19.64
C GLY A 220 28.72 -3.74 18.80
N HIS A 221 27.66 -4.27 19.42
CA HIS A 221 26.69 -5.11 18.69
C HIS A 221 25.27 -4.57 18.71
N PRO A 222 24.39 -5.07 17.86
CA PRO A 222 22.98 -4.69 17.96
C PRO A 222 22.38 -5.18 19.28
N PHE A 223 21.24 -4.60 19.62
CA PHE A 223 20.43 -5.10 20.74
C PHE A 223 19.09 -5.54 20.18
N THR A 224 18.64 -6.72 20.60
CA THR A 224 17.34 -7.26 20.22
C THR A 224 16.39 -7.10 21.39
N PHE A 225 15.35 -6.29 21.21
CA PHE A 225 14.38 -5.97 22.25
C PHE A 225 13.18 -6.91 22.28
N ALA A 226 12.78 -7.45 21.14
CA ALA A 226 11.59 -8.28 21.12
C ALA A 226 11.68 -9.28 20.00
N VAL A 227 10.96 -10.38 20.16
CA VAL A 227 10.89 -11.47 19.21
C VAL A 227 9.43 -11.89 19.12
N TRP A 228 9.13 -12.83 18.23
CA TRP A 228 7.78 -13.40 18.13
C TRP A 228 7.85 -14.85 18.60
N ALA A 229 7.28 -15.11 19.77
CA ALA A 229 7.50 -16.37 20.47
C ALA A 229 6.22 -17.20 20.55
N TYR A 230 6.40 -18.52 20.53
CA TYR A 230 5.30 -19.46 20.61
C TYR A 230 5.81 -20.70 21.32
N ARG A 231 4.92 -21.42 21.99
CA ARG A 231 5.30 -22.70 22.60
C ARG A 231 5.83 -23.65 21.54
N LYS A 232 6.91 -24.36 21.87
CA LYS A 232 7.60 -25.20 20.90
C LYS A 232 6.69 -26.25 20.27
N ASP A 233 5.71 -26.74 21.02
CA ASP A 233 4.81 -27.76 20.50
C ASP A 233 3.58 -27.18 19.84
N ASN A 234 3.64 -25.91 19.39
CA ASN A 234 2.49 -25.24 18.79
C ASN A 234 2.97 -24.21 17.78
N PRO A 235 3.59 -24.65 16.68
CA PRO A 235 4.10 -23.70 15.68
C PRO A 235 2.95 -22.95 15.01
N PRO A 236 3.21 -21.74 14.51
CA PRO A 236 2.12 -20.96 13.89
C PRO A 236 1.81 -21.46 12.49
N PRO A 237 0.59 -21.25 11.99
CA PRO A 237 0.27 -21.69 10.63
C PRO A 237 1.02 -20.88 9.59
N ALA A 238 1.37 -21.57 8.50
CA ALA A 238 2.17 -20.93 7.45
C ALA A 238 1.46 -19.75 6.84
N ALA A 239 0.12 -19.74 6.85
CA ALA A 239 -0.60 -18.60 6.30
C ALA A 239 -0.42 -17.36 7.16
N LEU A 240 -0.28 -17.53 8.48
CA LEU A 240 -0.01 -16.40 9.36
C LEU A 240 1.36 -15.78 9.07
N LEU A 241 2.39 -16.60 8.97
CA LEU A 241 3.73 -16.09 8.69
C LEU A 241 3.76 -15.33 7.37
N GLN A 242 3.10 -15.86 6.34
CA GLN A 242 3.10 -15.19 5.04
C GLN A 242 2.40 -13.84 5.10
N ALA A 243 1.23 -13.78 5.74
CA ALA A 243 0.56 -12.51 5.92
C ALA A 243 1.42 -11.53 6.72
N MET A 244 2.19 -12.02 7.70
CA MET A 244 3.05 -11.13 8.46
C MET A 244 4.18 -10.58 7.61
N ARG A 245 4.78 -11.44 6.77
CA ARG A 245 5.85 -11.01 5.88
C ARG A 245 5.34 -10.03 4.82
N GLU A 246 4.11 -10.23 4.35
CA GLU A 246 3.59 -9.33 3.33
C GLU A 246 3.30 -7.95 3.93
N ALA A 247 2.76 -7.92 5.17
CA ALA A 247 2.52 -6.63 5.84
C ALA A 247 3.82 -5.89 6.14
N ARG A 248 4.83 -6.58 6.66
CA ARG A 248 6.12 -5.92 6.87
C ARG A 248 6.68 -5.34 5.59
N ARG A 249 6.54 -6.06 4.47
CA ARG A 249 7.02 -5.55 3.18
C ARG A 249 6.24 -4.31 2.75
N ARG A 250 4.93 -4.28 3.00
CA ARG A 250 4.16 -3.06 2.73
C ARG A 250 4.63 -1.91 3.60
N GLY A 251 4.83 -2.14 4.90
CA GLY A 251 5.20 -1.06 5.79
C GLY A 251 6.59 -0.51 5.49
N ILE A 252 7.55 -1.41 5.26
CA ILE A 252 8.89 -0.99 4.91
C ILE A 252 8.88 -0.19 3.61
N GLY A 253 8.00 -0.59 2.67
CA GLY A 253 7.93 0.07 1.38
C GLY A 253 7.27 1.43 1.42
N HIS A 254 6.57 1.77 2.52
CA HIS A 254 5.77 2.99 2.61
C HIS A 254 5.98 3.66 3.96
N LEU A 255 7.24 3.95 4.26
CA LEU A 255 7.58 4.37 5.62
C LEU A 255 7.03 5.74 5.93
N ALA A 256 6.93 6.64 4.93
CA ALA A 256 6.35 7.96 5.17
C ALA A 256 4.87 7.86 5.57
N GLU A 257 4.11 6.99 4.91
CA GLU A 257 2.71 6.80 5.29
C GLU A 257 2.58 6.23 6.69
N VAL A 258 3.37 5.19 7.01
CA VAL A 258 3.37 4.65 8.37
C VAL A 258 3.74 5.75 9.35
N SER A 259 4.83 6.46 9.07
CA SER A 259 5.34 7.45 10.01
C SER A 259 4.35 8.59 10.24
N GLN A 260 3.68 9.05 9.18
CA GLN A 260 2.75 10.16 9.34
C GLN A 260 1.61 9.82 10.29
N ARG A 261 1.01 8.64 10.13
CA ARG A 261 -0.09 8.24 11.02
C ARG A 261 0.35 8.28 12.48
N HIS A 262 1.51 7.71 12.78
CA HIS A 262 1.90 7.60 14.19
C HIS A 262 2.48 8.90 14.76
N ALA A 263 3.12 9.73 13.93
CA ALA A 263 3.56 11.05 14.38
C ALA A 263 2.37 11.90 14.82
N GLU A 264 1.25 11.83 14.09
CA GLU A 264 0.06 12.57 14.48
C GLU A 264 -0.45 12.12 15.83
N LYS A 265 -0.48 10.80 16.07
CA LYS A 265 -0.94 10.26 17.35
C LYS A 265 -0.02 10.65 18.50
N LEU A 266 1.29 10.74 18.25
CA LEU A 266 2.27 11.01 19.30
C LEU A 266 2.60 12.49 19.45
N GLY A 267 2.10 13.35 18.56
CA GLY A 267 2.47 14.76 18.57
C GLY A 267 3.89 15.08 18.20
N LEU A 268 4.48 14.34 17.26
CA LEU A 268 5.87 14.50 16.87
C LEU A 268 5.97 14.87 15.40
N PRO A 269 7.09 15.44 14.96
CA PRO A 269 7.30 15.64 13.52
C PRO A 269 7.35 14.30 12.78
N GLU A 270 6.77 14.29 11.58
CA GLU A 270 6.80 13.07 10.77
C GLU A 270 8.23 12.56 10.59
N ARG A 271 9.19 13.47 10.38
CA ARG A 271 10.55 13.01 10.13
C ARG A 271 11.19 12.40 11.38
N VAL A 272 10.78 12.80 12.57
CA VAL A 272 11.26 12.13 13.78
C VAL A 272 10.84 10.66 13.79
N VAL A 273 9.55 10.41 13.57
CA VAL A 273 9.04 9.04 13.60
C VAL A 273 9.62 8.23 12.44
N GLN A 274 9.78 8.87 11.28
CA GLN A 274 10.34 8.16 10.13
C GLN A 274 11.76 7.70 10.41
N HIS A 275 12.61 8.61 10.90
CA HIS A 275 13.96 8.16 11.25
C HIS A 275 13.92 7.14 12.37
N TYR A 276 12.99 7.28 13.31
CA TYR A 276 12.84 6.31 14.38
C TYR A 276 12.58 4.91 13.82
N LEU A 277 11.66 4.79 12.86
CA LEU A 277 11.31 3.48 12.33
C LEU A 277 12.42 2.92 11.43
N TRP A 278 13.06 3.78 10.64
CA TRP A 278 14.13 3.36 9.75
C TRP A 278 15.28 2.70 10.53
N ASN A 279 15.52 3.12 11.78
CA ASN A 279 16.62 2.56 12.54
C ASN A 279 16.42 1.11 12.92
N PHE A 280 15.19 0.60 12.96
CA PHE A 280 15.02 -0.72 13.52
C PHE A 280 15.45 -1.80 12.55
N ARG A 281 15.84 -2.94 13.12
CA ARG A 281 16.20 -4.14 12.38
C ARG A 281 15.14 -5.19 12.71
N TYR A 282 14.49 -5.71 11.67
CA TYR A 282 13.25 -6.48 11.81
C TYR A 282 13.36 -7.94 11.44
N HIS A 283 14.52 -8.40 10.96
CA HIS A 283 14.59 -9.73 10.38
C HIS A 283 15.36 -10.76 11.22
N LEU A 284 15.70 -10.43 12.47
CA LEU A 284 16.38 -11.36 13.40
C LEU A 284 17.55 -12.09 12.71
N GLU A 285 18.44 -11.29 12.11
CA GLU A 285 19.55 -11.87 11.38
C GLU A 285 20.71 -12.18 12.32
N ALA A 286 21.79 -12.73 11.76
CA ALA A 286 22.91 -13.16 12.59
C ALA A 286 23.42 -12.06 13.53
N PRO A 287 23.55 -10.79 13.12
CA PRO A 287 23.98 -9.77 14.10
C PRO A 287 22.98 -9.56 15.24
N ASP A 288 21.69 -9.62 14.93
CA ASP A 288 20.65 -9.51 15.95
C ASP A 288 20.70 -10.69 16.91
N ARG A 289 20.95 -11.90 16.39
CA ARG A 289 21.02 -13.06 17.26
C ARG A 289 22.27 -13.03 18.13
N LEU A 290 23.37 -12.50 17.61
CA LEU A 290 24.58 -12.36 18.42
C LEU A 290 24.32 -11.47 19.63
N GLY A 291 23.77 -10.28 19.43
CA GLY A 291 23.48 -9.39 20.55
C GLY A 291 22.45 -9.99 21.50
N LEU A 292 21.45 -10.68 20.95
CA LEU A 292 20.49 -11.40 21.80
C LEU A 292 21.20 -12.42 22.69
N ARG A 293 22.14 -13.18 22.10
CA ARG A 293 22.84 -14.21 22.87
C ARG A 293 23.79 -13.60 23.89
N GLU A 294 24.48 -12.51 23.55
CA GLU A 294 25.32 -11.84 24.54
C GLU A 294 24.49 -11.30 25.68
N PHE A 295 23.35 -10.69 25.38
CA PHE A 295 22.47 -10.20 26.43
C PHE A 295 22.00 -11.36 27.30
N ALA A 296 21.57 -12.46 26.68
CA ALA A 296 21.10 -13.63 27.43
C ALA A 296 22.16 -14.10 28.42
N ASP A 297 23.42 -14.14 28.00
CA ASP A 297 24.49 -14.65 28.85
C ASP A 297 24.78 -13.70 30.01
N LEU A 298 24.66 -12.40 29.79
CA LEU A 298 24.94 -11.45 30.86
C LEU A 298 23.76 -11.32 31.83
N ALA A 299 22.54 -11.34 31.30
CA ALA A 299 21.37 -11.06 32.12
C ALA A 299 20.67 -12.31 32.62
N VAL A 300 20.81 -13.44 31.94
CA VAL A 300 20.16 -14.68 32.37
C VAL A 300 21.18 -15.81 32.23
N PRO A 301 22.30 -15.77 32.95
CA PRO A 301 23.33 -16.81 32.77
C PRO A 301 22.74 -18.19 33.05
N GLY A 302 23.18 -19.17 32.25
CA GLY A 302 22.58 -20.49 32.35
C GLY A 302 21.20 -20.64 31.75
N HIS A 303 20.77 -19.70 30.92
CA HIS A 303 19.51 -19.82 30.20
C HIS A 303 19.52 -21.07 29.33
N ALA A 304 18.33 -21.63 29.11
CA ALA A 304 18.17 -22.67 28.12
C ALA A 304 18.54 -22.13 26.73
N GLU A 305 18.89 -23.06 25.84
CA GLU A 305 19.34 -22.67 24.51
C GLU A 305 18.23 -21.95 23.74
N LEU A 306 18.61 -20.86 23.07
CA LEU A 306 17.65 -20.08 22.29
C LEU A 306 17.42 -20.77 20.94
N THR A 307 16.16 -21.10 20.64
CA THR A 307 15.84 -21.84 19.43
C THR A 307 14.85 -21.07 18.56
N PHE A 308 14.99 -21.25 17.26
CA PHE A 308 14.21 -20.56 16.25
C PHE A 308 13.68 -21.55 15.23
N TYR B 38 -17.51 -18.82 -6.46
CA TYR B 38 -17.76 -17.66 -7.32
C TYR B 38 -16.51 -17.34 -8.13
N ARG B 39 -16.68 -17.25 -9.45
CA ARG B 39 -15.59 -17.13 -10.40
C ARG B 39 -15.58 -15.74 -11.04
N ALA B 40 -14.41 -15.11 -11.08
CA ALA B 40 -14.24 -13.81 -11.69
C ALA B 40 -13.43 -13.96 -12.98
N GLY B 41 -13.77 -13.14 -13.97
CA GLY B 41 -12.96 -13.10 -15.17
C GLY B 41 -12.53 -11.69 -15.50
N TRP B 42 -11.23 -11.41 -15.39
CA TRP B 42 -10.70 -10.06 -15.51
C TRP B 42 -9.99 -9.87 -16.84
N ILE B 43 -10.13 -8.69 -17.44
CA ILE B 43 -9.27 -8.25 -18.52
C ILE B 43 -8.37 -7.13 -17.99
N HIS B 44 -7.06 -7.37 -18.00
CA HIS B 44 -6.12 -6.46 -17.34
C HIS B 44 -5.64 -5.35 -18.29
N PHE B 45 -6.59 -4.53 -18.72
CA PHE B 45 -6.22 -3.29 -19.39
C PHE B 45 -5.49 -2.37 -18.41
N THR B 46 -4.60 -1.54 -18.94
CA THR B 46 -3.91 -0.57 -18.09
C THR B 46 -4.89 0.25 -17.26
N ASN B 47 -6.00 0.68 -17.86
CA ASN B 47 -6.83 1.64 -17.13
C ASN B 47 -7.56 1.02 -15.94
N VAL B 48 -7.54 -0.30 -15.75
CA VAL B 48 -8.12 -0.89 -14.54
C VAL B 48 -7.04 -1.34 -13.55
N ALA B 49 -5.77 -1.06 -13.83
CA ALA B 49 -4.69 -1.34 -12.88
C ALA B 49 -4.96 -0.79 -11.47
N PRO B 50 -5.41 0.46 -11.29
CA PRO B 50 -5.64 0.93 -9.91
C PRO B 50 -6.65 0.10 -9.16
N ILE B 51 -7.54 -0.59 -9.87
CA ILE B 51 -8.52 -1.43 -9.20
C ILE B 51 -8.00 -2.86 -9.01
N LEU B 52 -7.31 -3.41 -10.01
CA LEU B 52 -7.05 -4.85 -10.02
C LEU B 52 -5.64 -5.25 -9.58
N ASP B 53 -4.65 -4.35 -9.61
CA ASP B 53 -3.27 -4.77 -9.36
C ASP B 53 -3.08 -5.29 -7.93
N SER B 54 -3.75 -4.71 -6.95
CA SER B 54 -3.54 -5.13 -5.56
C SER B 54 -4.70 -5.96 -5.03
N LEU B 55 -5.61 -6.40 -5.89
CA LEU B 55 -6.81 -7.09 -5.44
C LEU B 55 -6.44 -8.43 -4.79
N GLU B 56 -6.99 -8.67 -3.61
CA GLU B 56 -6.79 -9.92 -2.88
C GLU B 56 -8.13 -10.61 -2.79
N LEU B 57 -8.29 -11.71 -3.52
CA LEU B 57 -9.59 -12.38 -3.54
C LEU B 57 -9.90 -12.98 -2.16
N PRO B 58 -11.11 -12.79 -1.64
CA PRO B 58 -11.51 -13.46 -0.41
C PRO B 58 -11.55 -14.97 -0.59
N PRO B 59 -11.73 -15.73 0.49
CA PRO B 59 -11.85 -17.19 0.34
C PRO B 59 -13.12 -17.56 -0.41
N GLY B 60 -13.00 -18.57 -1.27
CA GLY B 60 -14.16 -18.98 -2.05
C GLY B 60 -14.45 -18.11 -3.25
N VAL B 61 -13.48 -17.36 -3.74
CA VAL B 61 -13.60 -16.60 -4.98
C VAL B 61 -12.34 -16.87 -5.78
N THR B 62 -12.52 -17.23 -7.04
CA THR B 62 -11.39 -17.50 -7.91
C THR B 62 -11.43 -16.55 -9.10
N ALA B 63 -10.31 -16.44 -9.81
CA ALA B 63 -10.27 -15.54 -10.97
C ALA B 63 -9.49 -16.16 -12.11
N ILE B 64 -9.99 -15.94 -13.33
CA ILE B 64 -9.24 -16.24 -14.56
C ILE B 64 -9.14 -14.96 -15.38
N THR B 65 -8.30 -15.01 -16.40
CA THR B 65 -8.08 -13.87 -17.27
C THR B 65 -8.18 -14.33 -18.72
N GLY B 66 -8.30 -13.35 -19.62
CA GLY B 66 -8.38 -13.67 -21.03
C GLY B 66 -8.78 -12.45 -21.83
N VAL B 67 -9.09 -12.71 -23.10
CA VAL B 67 -9.46 -11.63 -24.02
C VAL B 67 -10.93 -11.30 -23.82
N PRO B 68 -11.37 -10.08 -24.12
CA PRO B 68 -12.78 -9.72 -23.88
C PRO B 68 -13.77 -10.69 -24.47
N THR B 69 -13.62 -11.07 -25.74
CA THR B 69 -14.61 -11.94 -26.36
C THR B 69 -14.70 -13.29 -25.64
N GLN B 70 -13.57 -13.87 -25.23
CA GLN B 70 -13.63 -15.10 -24.44
C GLN B 70 -14.32 -14.86 -23.10
N MET B 71 -14.07 -13.70 -22.48
CA MET B 71 -14.62 -13.42 -21.15
C MET B 71 -16.12 -13.13 -21.21
N ASN B 72 -16.55 -12.35 -22.21
CA ASN B 72 -17.97 -12.11 -22.43
C ASN B 72 -18.75 -13.41 -22.51
N ALA B 73 -18.28 -14.33 -23.38
CA ALA B 73 -18.95 -15.61 -23.56
C ALA B 73 -18.96 -16.42 -22.27
N ALA B 74 -17.84 -16.42 -21.54
CA ALA B 74 -17.80 -17.15 -20.28
C ALA B 74 -18.81 -16.59 -19.28
N LEU B 75 -18.96 -15.25 -19.24
CA LEU B 75 -19.95 -14.65 -18.35
C LEU B 75 -21.37 -15.04 -18.75
N LEU B 76 -21.69 -14.96 -20.05
CA LEU B 76 -23.05 -15.23 -20.48
C LEU B 76 -23.38 -16.70 -20.37
N SER B 77 -22.42 -17.58 -20.64
CA SER B 77 -22.65 -19.02 -20.51
C SER B 77 -22.57 -19.50 -19.08
N GLY B 78 -22.04 -18.70 -18.15
CA GLY B 78 -21.97 -19.09 -16.76
C GLY B 78 -20.71 -19.79 -16.28
N GLU B 79 -19.63 -19.82 -17.08
CA GLU B 79 -18.38 -20.35 -16.56
C GLU B 79 -17.55 -19.31 -15.83
N VAL B 80 -17.89 -18.03 -15.92
CA VAL B 80 -17.52 -17.07 -14.88
C VAL B 80 -18.80 -16.39 -14.40
N ASP B 81 -18.72 -15.80 -13.22
CA ASP B 81 -19.88 -15.17 -12.60
C ASP B 81 -19.83 -13.64 -12.59
N ILE B 82 -18.66 -13.03 -12.82
CA ILE B 82 -18.55 -11.58 -12.86
C ILE B 82 -17.34 -11.24 -13.71
N ALA B 83 -17.43 -10.14 -14.46
CA ALA B 83 -16.36 -9.73 -15.36
C ALA B 83 -16.49 -8.23 -15.66
N ASN B 84 -15.35 -7.59 -15.94
CA ASN B 84 -15.37 -6.22 -16.45
C ASN B 84 -15.53 -6.31 -17.97
N VAL B 85 -16.67 -5.84 -18.47
CA VAL B 85 -17.00 -5.94 -19.88
C VAL B 85 -17.21 -4.55 -20.43
N SER B 86 -17.07 -4.44 -21.75
CA SER B 86 -17.26 -3.16 -22.42
C SER B 86 -18.70 -2.68 -22.20
N ALA B 87 -18.89 -1.38 -22.40
CA ALA B 87 -20.23 -0.82 -22.29
C ALA B 87 -21.19 -1.44 -23.29
N VAL B 88 -20.72 -1.68 -24.54
CA VAL B 88 -21.63 -2.25 -25.54
C VAL B 88 -22.05 -3.65 -25.14
N GLU B 89 -21.11 -4.43 -24.62
CA GLU B 89 -21.43 -5.80 -24.24
C GLU B 89 -22.48 -5.82 -23.15
N PHE B 90 -22.34 -4.93 -22.15
CA PHE B 90 -23.35 -4.83 -21.11
C PHE B 90 -24.69 -4.36 -21.68
N ILE B 91 -24.67 -3.32 -22.50
CA ILE B 91 -25.90 -2.77 -23.06
C ILE B 91 -26.63 -3.82 -23.89
N ARG B 92 -25.90 -4.56 -24.72
CA ARG B 92 -26.55 -5.56 -25.59
C ARG B 92 -27.09 -6.77 -24.82
N HIS B 93 -26.67 -6.97 -23.59
CA HIS B 93 -27.12 -8.11 -22.81
C HIS B 93 -27.76 -7.68 -21.51
N ALA B 94 -28.27 -6.45 -21.47
CA ALA B 94 -28.88 -5.91 -20.26
C ALA B 94 -30.17 -6.62 -19.90
N ASP B 95 -30.71 -7.47 -20.80
CA ASP B 95 -31.82 -8.33 -20.41
C ASP B 95 -31.41 -9.27 -19.28
N THR B 96 -30.22 -9.84 -19.37
CA THR B 96 -29.80 -10.83 -18.39
C THR B 96 -28.65 -10.41 -17.49
N LEU B 97 -28.00 -9.27 -17.74
CA LEU B 97 -26.89 -8.81 -16.92
C LEU B 97 -27.27 -7.55 -16.14
N ALA B 98 -26.78 -7.47 -14.92
CA ALA B 98 -26.77 -6.22 -14.17
C ALA B 98 -25.33 -5.79 -13.94
N ALA B 99 -25.15 -4.52 -13.56
CA ALA B 99 -23.82 -4.00 -13.34
C ALA B 99 -23.65 -3.59 -11.89
N LEU B 100 -22.43 -3.73 -11.38
CA LEU B 100 -22.15 -3.20 -10.05
C LEU B 100 -22.48 -1.72 -10.03
N PRO B 101 -23.11 -1.22 -8.96
CA PRO B 101 -23.50 0.21 -8.94
C PRO B 101 -22.34 1.17 -8.76
N ASP B 102 -21.16 0.69 -8.34
CA ASP B 102 -20.12 1.54 -7.77
C ASP B 102 -18.77 1.35 -8.47
N PHE B 103 -18.75 0.79 -9.68
CA PHE B 103 -17.52 0.49 -10.40
C PHE B 103 -17.69 0.82 -11.88
N SER B 104 -16.71 1.52 -12.46
CA SER B 104 -16.76 1.83 -13.88
C SER B 104 -15.34 2.06 -14.38
N VAL B 105 -15.23 2.11 -15.71
CA VAL B 105 -14.16 2.80 -16.40
C VAL B 105 -14.84 3.86 -17.25
N ALA B 106 -14.75 5.11 -16.84
CA ALA B 106 -15.35 6.22 -17.58
C ALA B 106 -14.37 7.37 -17.60
N VAL B 107 -14.70 8.41 -18.37
CA VAL B 107 -13.83 9.56 -18.51
C VAL B 107 -14.68 10.73 -19.00
N LEU B 108 -14.26 11.94 -18.67
CA LEU B 108 -14.84 13.16 -19.17
C LEU B 108 -13.76 13.91 -19.93
N GLY B 109 -13.99 14.17 -21.21
CA GLY B 109 -12.99 14.76 -22.04
C GLY B 109 -12.11 13.70 -22.67
N PRO B 110 -10.87 14.05 -22.99
CA PRO B 110 -10.01 13.11 -23.74
C PRO B 110 -9.64 11.89 -22.90
N VAL B 111 -9.57 10.73 -23.56
CA VAL B 111 -9.13 9.51 -22.89
C VAL B 111 -7.71 9.08 -23.28
N TYR B 112 -7.20 9.52 -24.44
CA TYR B 112 -5.83 9.31 -24.91
C TYR B 112 -5.55 7.91 -25.45
N SER B 113 -6.40 6.93 -25.14
CA SER B 113 -6.20 5.59 -25.63
C SER B 113 -7.33 5.14 -26.55
N VAL B 114 -8.12 6.06 -27.09
CA VAL B 114 -9.09 5.72 -28.12
C VAL B 114 -8.98 6.79 -29.19
N ASN B 115 -8.19 6.52 -30.23
CA ASN B 115 -7.68 7.57 -31.10
C ASN B 115 -7.94 7.26 -32.56
N LEU B 116 -8.43 8.27 -33.28
CA LEU B 116 -8.48 8.26 -34.73
C LEU B 116 -7.33 9.14 -35.23
N PHE B 117 -6.31 8.52 -35.81
CA PHE B 117 -5.18 9.24 -36.40
C PHE B 117 -5.50 9.55 -37.86
N HIS B 118 -5.30 10.79 -38.29
CA HIS B 118 -5.61 11.10 -39.68
C HIS B 118 -4.73 12.22 -40.21
N THR B 119 -4.50 12.18 -41.52
CA THR B 119 -3.70 13.17 -42.23
C THR B 119 -4.54 14.15 -43.03
N CYS B 120 -5.85 13.93 -43.12
CA CYS B 120 -6.76 14.83 -43.83
C CYS B 120 -7.99 15.05 -42.96
N PRO B 121 -8.78 16.10 -43.24
CA PRO B 121 -9.99 16.35 -42.44
C PRO B 121 -10.97 15.19 -42.53
N LEU B 122 -11.70 14.99 -41.44
CA LEU B 122 -12.64 13.87 -41.38
C LEU B 122 -13.58 13.78 -42.58
N PRO B 123 -14.18 14.87 -43.10
CA PRO B 123 -15.08 14.71 -44.24
C PRO B 123 -14.39 14.20 -45.51
N GLU B 124 -13.07 14.27 -45.60
CA GLU B 124 -12.34 13.78 -46.75
C GLU B 124 -11.90 12.33 -46.61
N LEU B 125 -12.14 11.71 -45.46
CA LEU B 125 -11.78 10.30 -45.31
C LEU B 125 -12.71 9.46 -46.17
N ARG B 126 -12.15 8.65 -47.05
CA ARG B 126 -12.95 7.64 -47.73
C ARG B 126 -12.85 6.30 -47.04
N ARG B 127 -11.76 6.04 -46.31
CA ARG B 127 -11.57 4.80 -45.59
C ARG B 127 -10.96 5.09 -44.24
N VAL B 128 -11.20 4.20 -43.28
CA VAL B 128 -10.56 4.24 -41.96
C VAL B 128 -10.09 2.83 -41.64
N ALA B 129 -8.78 2.69 -41.37
CA ALA B 129 -8.22 1.40 -41.03
C ALA B 129 -8.50 1.04 -39.58
N LEU B 130 -8.89 -0.21 -39.35
CA LEU B 130 -8.99 -0.79 -38.02
C LEU B 130 -7.93 -1.86 -37.86
N THR B 131 -7.19 -1.80 -36.76
CA THR B 131 -6.16 -2.80 -36.50
C THR B 131 -6.67 -3.95 -35.65
N SER B 132 -7.46 -3.66 -34.62
CA SER B 132 -7.91 -4.68 -33.70
C SER B 132 -9.39 -4.97 -33.89
N GLN B 133 -9.86 -6.00 -33.18
CA GLN B 133 -11.28 -6.19 -32.95
C GLN B 133 -11.65 -5.45 -31.68
N SER B 134 -12.52 -4.44 -31.80
CA SER B 134 -13.11 -3.76 -30.64
C SER B 134 -14.50 -3.30 -31.05
N ALA B 135 -15.52 -4.09 -30.67
CA ALA B 135 -16.90 -3.66 -30.85
C ALA B 135 -17.15 -2.31 -30.19
N MET B 136 -16.53 -2.09 -29.02
CA MET B 136 -16.74 -0.87 -28.24
C MET B 136 -16.34 0.35 -29.04
N SER B 137 -15.10 0.41 -29.48
CA SER B 137 -14.61 1.65 -30.06
C SER B 137 -15.17 1.86 -31.46
N VAL B 138 -15.52 0.79 -32.17
CA VAL B 138 -16.16 0.97 -33.48
C VAL B 138 -17.58 1.51 -33.31
N ALA B 139 -18.34 0.96 -32.35
CA ALA B 139 -19.69 1.48 -32.10
C ALA B 139 -19.64 2.95 -31.71
N LEU B 140 -18.64 3.36 -30.93
CA LEU B 140 -18.46 4.78 -30.61
C LEU B 140 -18.08 5.58 -31.86
N LEU B 141 -17.12 5.06 -32.64
CA LEU B 141 -16.74 5.75 -33.88
C LEU B 141 -17.94 5.90 -34.82
N GLU B 142 -18.73 4.84 -34.97
CA GLU B 142 -19.88 4.92 -35.87
C GLU B 142 -20.92 5.92 -35.36
N VAL B 143 -21.15 5.96 -34.05
CA VAL B 143 -22.07 6.96 -33.51
C VAL B 143 -21.59 8.37 -33.86
N LEU B 144 -20.30 8.64 -33.67
CA LEU B 144 -19.79 9.97 -33.97
C LEU B 144 -19.89 10.26 -35.46
N LEU B 145 -19.61 9.28 -36.31
CA LEU B 145 -19.60 9.53 -37.75
C LEU B 145 -21.01 9.75 -38.28
N ARG B 146 -21.98 8.95 -37.84
CA ARG B 146 -23.36 9.16 -38.26
C ARG B 146 -23.87 10.53 -37.86
N GLN B 147 -23.52 10.98 -36.64
CA GLN B 147 -23.99 12.30 -36.20
C GLN B 147 -23.50 13.40 -37.12
N LYS B 148 -22.34 13.21 -37.76
CA LYS B 148 -21.77 14.19 -38.69
C LYS B 148 -22.12 13.90 -40.14
N GLY B 149 -22.95 12.88 -40.42
CA GLY B 149 -23.23 12.54 -41.79
C GLY B 149 -22.07 11.99 -42.58
N LEU B 150 -21.02 11.49 -41.92
CA LEU B 150 -19.88 10.91 -42.61
C LEU B 150 -20.05 9.39 -42.69
N SER B 151 -19.43 8.81 -43.70
CA SER B 151 -19.55 7.36 -43.87
C SER B 151 -18.31 6.77 -44.56
N PRO B 152 -17.11 6.96 -44.03
CA PRO B 152 -15.96 6.27 -44.62
C PRO B 152 -16.08 4.77 -44.44
N VAL B 153 -15.43 4.03 -45.32
CA VAL B 153 -15.45 2.57 -45.21
C VAL B 153 -14.44 2.15 -44.15
N LEU B 154 -14.85 1.24 -43.28
CA LEU B 154 -13.98 0.69 -42.26
C LEU B 154 -13.37 -0.61 -42.78
N GLU B 155 -12.05 -0.72 -42.71
CA GLU B 155 -11.31 -1.84 -43.26
C GLU B 155 -10.32 -2.35 -42.23
N ARG B 156 -10.33 -3.66 -42.00
CA ARG B 156 -9.27 -4.30 -41.23
C ARG B 156 -7.93 -4.11 -41.94
N ALA B 157 -6.89 -3.90 -41.16
CA ALA B 157 -5.55 -3.72 -41.70
C ALA B 157 -4.57 -4.10 -40.61
N GLU B 158 -3.30 -4.20 -41.00
CA GLU B 158 -2.23 -4.58 -40.08
C GLU B 158 -1.17 -3.50 -40.07
N GLY B 159 -0.81 -3.05 -38.87
CA GLY B 159 0.33 -2.15 -38.72
C GLY B 159 0.12 -1.19 -37.58
N THR B 160 1.01 -0.21 -37.51
CA THR B 160 0.84 0.88 -36.58
C THR B 160 0.12 2.03 -37.26
N ALA B 161 -0.32 3.01 -36.48
CA ALA B 161 -0.97 4.16 -37.07
C ALA B 161 -0.07 4.82 -38.10
N GLU B 162 1.24 4.89 -37.81
CA GLU B 162 2.12 5.63 -38.71
C GLU B 162 2.47 4.83 -39.96
N SER B 163 2.66 3.51 -39.84
CA SER B 163 2.94 2.76 -41.07
C SER B 163 1.72 2.72 -41.98
N LEU B 164 0.52 2.60 -41.39
CA LEU B 164 -0.70 2.58 -42.22
C LEU B 164 -0.96 3.93 -42.86
N LEU B 165 -0.68 5.02 -42.16
CA LEU B 165 -0.84 6.34 -42.78
C LEU B 165 0.22 6.56 -43.87
N ALA B 166 1.46 6.15 -43.63
CA ALA B 166 2.49 6.26 -44.66
C ALA B 166 2.22 5.33 -45.84
N ALA B 167 1.33 4.35 -45.69
CA ALA B 167 0.91 3.47 -46.78
C ALA B 167 -0.36 4.00 -47.44
N GLY B 168 -1.37 3.14 -47.58
CA GLY B 168 -2.57 3.48 -48.33
C GLY B 168 -3.72 4.15 -47.59
N TYR B 169 -3.57 4.55 -46.33
CA TYR B 169 -4.69 5.10 -45.58
C TYR B 169 -4.42 6.54 -45.18
N ASP B 170 -5.50 7.28 -44.97
CA ASP B 170 -5.45 8.60 -44.36
C ASP B 170 -6.16 8.62 -42.99
N GLY B 171 -6.70 7.50 -42.55
CA GLY B 171 -7.36 7.42 -41.26
C GLY B 171 -7.15 6.06 -40.64
N VAL B 172 -6.79 6.03 -39.35
CA VAL B 172 -6.52 4.80 -38.62
C VAL B 172 -7.10 4.93 -37.21
N LEU B 173 -7.81 3.91 -36.78
CA LEU B 173 -8.36 3.84 -35.43
C LEU B 173 -7.49 2.91 -34.59
N ARG B 174 -7.07 3.39 -33.42
CA ARG B 174 -6.25 2.61 -32.50
C ARG B 174 -6.86 2.72 -31.11
N ILE B 175 -6.81 1.61 -30.35
CA ILE B 175 -7.29 1.59 -28.97
C ILE B 175 -6.23 1.00 -28.05
N GLY B 176 -6.38 1.26 -26.76
CA GLY B 176 -5.53 0.63 -25.75
C GLY B 176 -4.12 1.20 -25.68
N ASP B 177 -3.24 0.34 -25.15
CA ASP B 177 -1.83 0.67 -24.99
C ASP B 177 -1.19 1.17 -26.27
N ASP B 178 -1.44 0.49 -27.39
CA ASP B 178 -0.91 0.95 -28.68
C ASP B 178 -1.37 2.37 -28.99
N ALA B 179 -2.66 2.64 -28.81
CA ALA B 179 -3.18 3.97 -29.07
C ALA B 179 -2.52 5.02 -28.18
N LEU B 180 -2.31 4.68 -26.89
CA LEU B 180 -1.66 5.63 -25.98
C LEU B 180 -0.20 5.85 -26.38
N ARG B 181 0.52 4.77 -26.71
CA ARG B 181 1.92 4.90 -27.11
C ARG B 181 2.05 5.68 -28.42
N GLU B 182 1.13 5.46 -29.37
CA GLU B 182 1.27 6.12 -30.66
C GLU B 182 0.83 7.57 -30.60
N TRP B 183 -0.17 7.90 -29.76
CA TRP B 183 -0.47 9.30 -29.50
C TRP B 183 0.76 10.03 -28.99
N TYR B 184 1.49 9.44 -28.05
CA TYR B 184 2.68 10.09 -27.50
C TYR B 184 3.78 10.19 -28.56
N GLY B 185 3.95 9.15 -29.37
CA GLY B 185 4.88 9.23 -30.48
C GLY B 185 4.59 10.41 -31.39
N VAL B 186 3.30 10.72 -31.61
CA VAL B 186 2.94 11.77 -32.55
C VAL B 186 3.11 13.15 -31.92
N VAL B 187 2.52 13.38 -30.74
CA VAL B 187 2.42 14.75 -30.22
C VAL B 187 3.53 15.10 -29.26
N GLY B 188 4.33 14.13 -28.84
CA GLY B 188 5.31 14.36 -27.80
C GLY B 188 6.62 14.89 -28.31
N PRO B 189 7.64 14.90 -27.44
CA PRO B 189 7.52 14.33 -26.10
C PRO B 189 7.28 15.39 -25.03
N LEU B 190 7.11 14.95 -23.78
CA LEU B 190 7.05 15.90 -22.67
C LEU B 190 8.41 16.55 -22.44
N THR B 191 8.38 17.76 -21.89
CA THR B 191 9.60 18.44 -21.46
C THR B 191 9.35 18.90 -20.03
N PRO B 192 10.34 19.49 -19.35
CA PRO B 192 10.04 20.11 -18.04
C PRO B 192 8.96 21.18 -18.10
N GLU B 193 8.82 21.89 -19.22
CA GLU B 193 7.83 22.96 -19.33
C GLU B 193 6.49 22.46 -19.84
N ARG B 194 6.49 21.61 -20.87
CA ARG B 194 5.26 21.10 -21.43
C ARG B 194 4.72 19.97 -20.55
N THR B 195 3.40 19.94 -20.37
CA THR B 195 2.72 18.84 -19.67
C THR B 195 1.81 18.09 -20.61
N MET B 196 1.23 17.00 -20.10
CA MET B 196 0.37 16.15 -20.92
C MET B 196 -0.86 16.91 -21.43
N THR B 197 -1.43 17.75 -20.57
CA THR B 197 -2.65 18.51 -20.89
C THR B 197 -2.38 19.58 -21.93
N SER B 198 -1.14 20.06 -22.01
CA SER B 198 -0.80 21.17 -22.89
C SER B 198 -0.25 20.72 -24.23
N LEU B 199 -0.01 19.42 -24.41
CA LEU B 199 0.52 18.92 -25.66
C LEU B 199 -0.45 19.19 -26.80
N PRO B 200 0.06 19.46 -28.00
CA PRO B 200 -0.84 19.64 -29.15
C PRO B 200 -1.54 18.33 -29.47
N HIS B 201 -2.56 18.42 -30.31
CA HIS B 201 -3.23 17.23 -30.82
C HIS B 201 -2.79 16.88 -32.24
N THR B 202 -1.76 17.55 -32.74
CA THR B 202 -1.22 17.29 -34.08
C THR B 202 0.29 17.12 -33.95
N GLY B 203 0.87 16.37 -34.88
CA GLY B 203 2.30 16.23 -34.94
C GLY B 203 2.71 15.62 -36.26
N ARG B 204 3.74 16.18 -36.91
CA ARG B 204 4.23 15.68 -38.21
C ARG B 204 3.12 15.60 -39.25
N GLY B 205 2.20 16.57 -39.21
CA GLY B 205 1.06 16.53 -40.11
C GLY B 205 0.01 15.49 -39.78
N ILE B 206 0.08 14.85 -38.62
CA ILE B 206 -0.91 13.86 -38.19
C ILE B 206 -1.75 14.46 -37.08
N THR B 207 -3.06 14.49 -37.27
CA THR B 207 -3.98 14.86 -36.22
C THR B 207 -4.43 13.62 -35.46
N VAL B 208 -4.45 13.71 -34.12
CA VAL B 208 -4.93 12.65 -33.25
C VAL B 208 -6.26 13.11 -32.69
N THR B 209 -7.35 12.54 -33.22
CA THR B 209 -8.70 12.85 -32.76
C THR B 209 -9.08 11.85 -31.69
N ASP B 210 -9.45 12.36 -30.50
CA ASP B 210 -9.76 11.56 -29.33
C ASP B 210 -11.26 11.29 -29.29
N LEU B 211 -11.67 10.02 -29.34
CA LEU B 211 -13.10 9.76 -29.49
C LEU B 211 -13.88 10.13 -28.23
N ALA B 212 -13.22 10.08 -27.06
CA ALA B 212 -13.90 10.52 -25.83
C ALA B 212 -14.06 12.03 -25.80
N GLN B 213 -13.07 12.78 -26.30
CA GLN B 213 -13.29 14.22 -26.45
C GLN B 213 -14.36 14.49 -27.48
N GLU B 214 -14.37 13.76 -28.61
CA GLU B 214 -15.45 13.91 -29.58
C GLU B 214 -16.81 13.62 -28.95
N TRP B 215 -16.87 12.62 -28.06
CA TRP B 215 -18.12 12.33 -27.37
C TRP B 215 -18.54 13.50 -26.50
N PHE B 216 -17.60 14.12 -25.79
CA PHE B 216 -17.93 15.30 -25.00
C PHE B 216 -18.44 16.44 -25.87
N ASP B 217 -17.74 16.72 -26.98
CA ASP B 217 -18.21 17.73 -27.93
C ASP B 217 -19.63 17.44 -28.39
N LEU B 218 -19.97 16.16 -28.60
CA LEU B 218 -21.32 15.82 -29.02
C LEU B 218 -22.34 15.99 -27.89
N THR B 219 -22.06 15.42 -26.71
CA THR B 219 -23.07 15.26 -25.67
C THR B 219 -22.87 16.14 -24.45
N GLY B 220 -21.65 16.63 -24.20
CA GLY B 220 -21.33 17.32 -22.97
C GLY B 220 -21.11 16.43 -21.78
N HIS B 221 -21.13 15.11 -21.95
CA HIS B 221 -21.19 14.17 -20.84
C HIS B 221 -20.03 13.17 -20.87
N PRO B 222 -19.80 12.48 -19.75
CA PRO B 222 -18.77 11.43 -19.75
C PRO B 222 -19.12 10.30 -20.69
N PHE B 223 -18.10 9.50 -21.01
CA PHE B 223 -18.28 8.24 -21.71
C PHE B 223 -17.86 7.11 -20.80
N THR B 224 -18.69 6.09 -20.68
CA THR B 224 -18.38 4.91 -19.87
C THR B 224 -17.92 3.80 -20.81
N PHE B 225 -16.66 3.38 -20.66
CA PHE B 225 -16.11 2.32 -21.50
C PHE B 225 -16.39 0.93 -20.96
N ALA B 226 -16.53 0.78 -19.65
CA ALA B 226 -16.60 -0.55 -19.09
C ALA B 226 -17.32 -0.51 -17.76
N VAL B 227 -18.00 -1.61 -17.45
CA VAL B 227 -18.70 -1.86 -16.19
C VAL B 227 -18.28 -3.23 -15.68
N TRP B 228 -18.67 -3.54 -14.45
CA TRP B 228 -18.47 -4.86 -13.87
C TRP B 228 -19.83 -5.56 -13.89
N ALA B 229 -19.98 -6.55 -14.76
CA ALA B 229 -21.28 -7.13 -15.00
C ALA B 229 -21.40 -8.54 -14.43
N TYR B 230 -22.62 -8.91 -14.02
CA TYR B 230 -22.91 -10.25 -13.54
C TYR B 230 -24.32 -10.61 -13.96
N ARG B 231 -24.61 -11.91 -14.01
CA ARG B 231 -25.97 -12.33 -14.29
C ARG B 231 -26.89 -11.95 -13.14
N LYS B 232 -28.09 -11.45 -13.48
CA LYS B 232 -29.02 -10.94 -12.48
C LYS B 232 -29.36 -11.98 -11.41
N ASP B 233 -29.38 -13.27 -11.76
CA ASP B 233 -29.66 -14.31 -10.75
C ASP B 233 -28.60 -14.34 -9.66
N ASN B 234 -27.37 -13.92 -9.97
CA ASN B 234 -26.17 -14.39 -9.30
C ASN B 234 -25.28 -13.24 -8.87
N PRO B 235 -25.76 -12.34 -8.02
CA PRO B 235 -24.96 -11.17 -7.61
C PRO B 235 -23.77 -11.59 -6.79
N PRO B 236 -22.72 -10.79 -6.75
CA PRO B 236 -21.46 -11.22 -6.11
C PRO B 236 -21.56 -11.22 -4.60
N PRO B 237 -20.72 -11.99 -3.91
CA PRO B 237 -20.71 -11.94 -2.45
C PRO B 237 -20.10 -10.65 -1.93
N ALA B 238 -20.60 -10.22 -0.77
CA ALA B 238 -20.16 -8.94 -0.21
C ALA B 238 -18.66 -8.87 -0.01
N ALA B 239 -18.02 -10.00 0.35
CA ALA B 239 -16.59 -9.99 0.59
C ALA B 239 -15.80 -9.63 -0.66
N LEU B 240 -16.29 -10.02 -1.85
CA LEU B 240 -15.60 -9.66 -3.07
C LEU B 240 -15.69 -8.15 -3.32
N LEU B 241 -16.88 -7.58 -3.19
CA LEU B 241 -17.05 -6.14 -3.37
C LEU B 241 -16.16 -5.38 -2.39
N GLN B 242 -16.17 -5.80 -1.12
CA GLN B 242 -15.31 -5.18 -0.12
C GLN B 242 -13.84 -5.27 -0.53
N ALA B 243 -13.42 -6.42 -1.04
CA ALA B 243 -12.03 -6.57 -1.47
C ALA B 243 -11.73 -5.66 -2.67
N MET B 244 -12.67 -5.54 -3.59
CA MET B 244 -12.46 -4.68 -4.75
C MET B 244 -12.39 -3.22 -4.33
N ARG B 245 -13.23 -2.82 -3.36
CA ARG B 245 -13.21 -1.44 -2.88
C ARG B 245 -11.89 -1.12 -2.18
N GLU B 246 -11.38 -2.06 -1.39
CA GLU B 246 -10.10 -1.84 -0.71
C GLU B 246 -8.96 -1.78 -1.72
N ALA B 247 -9.01 -2.62 -2.76
CA ALA B 247 -7.97 -2.57 -3.79
C ALA B 247 -7.99 -1.24 -4.51
N ARG B 248 -9.17 -0.76 -4.90
CA ARG B 248 -9.28 0.54 -5.56
C ARG B 248 -8.71 1.66 -4.70
N ARG B 249 -9.03 1.68 -3.40
CA ARG B 249 -8.49 2.73 -2.53
C ARG B 249 -6.96 2.71 -2.48
N ARG B 250 -6.37 1.51 -2.44
CA ARG B 250 -4.92 1.42 -2.49
C ARG B 250 -4.38 1.93 -3.81
N GLY B 251 -5.01 1.57 -4.93
CA GLY B 251 -4.49 2.01 -6.22
C GLY B 251 -4.61 3.52 -6.42
N ILE B 252 -5.78 4.08 -6.09
CA ILE B 252 -6.00 5.52 -6.20
C ILE B 252 -5.08 6.28 -5.25
N GLY B 253 -4.86 5.73 -4.05
CA GLY B 253 -4.02 6.37 -3.06
C GLY B 253 -2.55 6.33 -3.36
N HIS B 254 -2.13 5.55 -4.37
CA HIS B 254 -0.72 5.36 -4.71
C HIS B 254 -0.55 5.34 -6.23
N LEU B 255 -0.92 6.45 -6.89
CA LEU B 255 -0.97 6.43 -8.36
C LEU B 255 0.42 6.40 -8.97
N ALA B 256 1.38 7.09 -8.36
CA ALA B 256 2.74 7.05 -8.88
C ALA B 256 3.28 5.62 -8.89
N GLU B 257 2.98 4.86 -7.83
CA GLU B 257 3.44 3.46 -7.77
C GLU B 257 2.78 2.60 -8.84
N VAL B 258 1.46 2.73 -9.00
CA VAL B 258 0.77 1.99 -10.07
C VAL B 258 1.31 2.40 -11.43
N SER B 259 1.48 3.71 -11.65
CA SER B 259 1.83 4.21 -12.97
C SER B 259 3.24 3.78 -13.38
N GLN B 260 4.18 3.77 -12.43
CA GLN B 260 5.56 3.43 -12.80
C GLN B 260 5.65 2.01 -13.33
N ARG B 261 4.91 1.08 -12.72
CA ARG B 261 4.93 -0.31 -13.20
C ARG B 261 4.47 -0.40 -14.65
N HIS B 262 3.31 0.19 -14.95
CA HIS B 262 2.77 0.09 -16.30
C HIS B 262 3.49 1.01 -17.28
N ALA B 263 4.02 2.14 -16.82
CA ALA B 263 4.83 2.99 -17.69
C ALA B 263 6.06 2.27 -18.21
N GLU B 264 6.78 1.57 -17.32
CA GLU B 264 7.96 0.81 -17.74
C GLU B 264 7.59 -0.28 -18.75
N LYS B 265 6.47 -0.99 -18.50
CA LYS B 265 6.03 -2.02 -19.45
C LYS B 265 5.72 -1.43 -20.81
N LEU B 266 5.17 -0.22 -20.85
CA LEU B 266 4.73 0.43 -22.09
C LEU B 266 5.81 1.28 -22.76
N GLY B 267 6.96 1.48 -22.12
CA GLY B 267 7.95 2.39 -22.70
C GLY B 267 7.56 3.85 -22.65
N LEU B 268 6.78 4.26 -21.66
CA LEU B 268 6.29 5.63 -21.59
C LEU B 268 6.82 6.32 -20.34
N PRO B 269 6.88 7.65 -20.33
CA PRO B 269 7.17 8.34 -19.06
C PRO B 269 6.13 8.02 -17.98
N GLU B 270 6.62 7.90 -16.74
CA GLU B 270 5.71 7.72 -15.61
C GLU B 270 4.60 8.78 -15.62
N ARG B 271 4.96 10.02 -15.94
CA ARG B 271 4.01 11.14 -15.96
C ARG B 271 2.86 10.91 -16.93
N VAL B 272 3.09 10.19 -18.03
CA VAL B 272 2.03 9.95 -19.00
C VAL B 272 1.01 8.98 -18.44
N VAL B 273 1.48 7.86 -17.90
CA VAL B 273 0.56 6.87 -17.35
C VAL B 273 -0.17 7.45 -16.15
N GLN B 274 0.54 8.25 -15.34
CA GLN B 274 -0.07 8.79 -14.13
C GLN B 274 -1.25 9.69 -14.46
N HIS B 275 -1.04 10.65 -15.37
CA HIS B 275 -2.15 11.50 -15.78
C HIS B 275 -3.24 10.70 -16.47
N TYR B 276 -2.85 9.76 -17.32
CA TYR B 276 -3.80 8.86 -17.96
C TYR B 276 -4.72 8.19 -16.94
N LEU B 277 -4.14 7.67 -15.86
CA LEU B 277 -4.94 6.94 -14.88
C LEU B 277 -5.73 7.89 -13.99
N TRP B 278 -5.11 9.02 -13.60
CA TRP B 278 -5.82 10.04 -12.84
C TRP B 278 -7.08 10.48 -13.57
N ASN B 279 -7.03 10.46 -14.89
CA ASN B 279 -8.11 11.01 -15.68
C ASN B 279 -9.38 10.16 -15.63
N PHE B 280 -9.30 8.89 -15.23
CA PHE B 280 -10.48 8.04 -15.28
C PHE B 280 -11.42 8.27 -14.10
N ARG B 281 -12.68 7.89 -14.31
CA ARG B 281 -13.74 7.93 -13.31
C ARG B 281 -14.17 6.50 -13.05
N TYR B 282 -14.08 6.07 -11.80
CA TYR B 282 -14.12 4.67 -11.43
C TYR B 282 -15.34 4.27 -10.61
N HIS B 283 -16.29 5.17 -10.39
CA HIS B 283 -17.35 4.92 -9.42
C HIS B 283 -18.76 4.81 -10.01
N LEU B 284 -18.92 4.88 -11.34
CA LEU B 284 -20.25 4.78 -12.01
C LEU B 284 -21.31 5.68 -11.36
N GLU B 285 -20.99 6.94 -11.23
CA GLU B 285 -21.90 7.89 -10.63
C GLU B 285 -22.92 8.35 -11.68
N ALA B 286 -23.84 9.22 -11.24
CA ALA B 286 -24.92 9.67 -12.12
C ALA B 286 -24.43 10.25 -13.45
N PRO B 287 -23.39 11.07 -13.51
CA PRO B 287 -22.94 11.52 -14.85
C PRO B 287 -22.44 10.38 -15.72
N ASP B 288 -21.79 9.37 -15.12
CA ASP B 288 -21.32 8.22 -15.90
C ASP B 288 -22.48 7.39 -16.45
N ARG B 289 -23.52 7.17 -15.64
CA ARG B 289 -24.69 6.42 -16.11
C ARG B 289 -25.43 7.19 -17.19
N LEU B 290 -25.49 8.53 -17.06
CA LEU B 290 -26.12 9.35 -18.08
C LEU B 290 -25.39 9.21 -19.41
N GLY B 291 -24.06 9.30 -19.38
CA GLY B 291 -23.30 9.06 -20.59
C GLY B 291 -23.54 7.67 -21.15
N LEU B 292 -23.60 6.67 -20.27
CA LEU B 292 -23.83 5.29 -20.70
C LEU B 292 -25.20 5.13 -21.34
N ARG B 293 -26.25 5.70 -20.73
CA ARG B 293 -27.59 5.55 -21.29
C ARG B 293 -27.69 6.23 -22.65
N GLU B 294 -27.12 7.45 -22.78
CA GLU B 294 -27.10 8.14 -24.07
C GLU B 294 -26.40 7.29 -25.12
N PHE B 295 -25.25 6.72 -24.79
CA PHE B 295 -24.58 5.86 -25.74
C PHE B 295 -25.43 4.62 -26.05
N ALA B 296 -26.08 4.06 -25.03
CA ALA B 296 -26.99 2.94 -25.26
C ALA B 296 -28.05 3.30 -26.29
N ASP B 297 -28.66 4.48 -26.16
CA ASP B 297 -29.77 4.88 -27.02
C ASP B 297 -29.32 5.05 -28.47
N LEU B 298 -28.12 5.57 -28.68
CA LEU B 298 -27.63 5.82 -30.03
C LEU B 298 -27.05 4.56 -30.67
N ALA B 299 -26.30 3.76 -29.91
CA ALA B 299 -25.59 2.65 -30.51
C ALA B 299 -26.34 1.32 -30.41
N VAL B 300 -27.23 1.15 -29.45
CA VAL B 300 -28.00 -0.09 -29.34
C VAL B 300 -29.48 0.25 -29.21
N PRO B 301 -30.10 0.84 -30.23
CA PRO B 301 -31.53 1.17 -30.15
C PRO B 301 -32.37 -0.03 -29.72
N GLY B 302 -33.35 0.22 -28.88
CA GLY B 302 -34.20 -0.83 -28.36
C GLY B 302 -33.61 -1.69 -27.28
N HIS B 303 -32.46 -1.30 -26.71
CA HIS B 303 -31.80 -2.10 -25.68
C HIS B 303 -32.70 -2.27 -24.47
N ALA B 304 -32.56 -3.40 -23.78
CA ALA B 304 -33.20 -3.56 -22.48
C ALA B 304 -32.73 -2.47 -21.52
N GLU B 305 -33.52 -2.26 -20.47
CA GLU B 305 -33.20 -1.23 -19.49
C GLU B 305 -31.90 -1.58 -18.74
N LEU B 306 -31.01 -0.59 -18.61
CA LEU B 306 -29.78 -0.81 -17.85
C LEU B 306 -30.11 -0.86 -16.36
N THR B 307 -29.76 -1.96 -15.68
CA THR B 307 -30.00 -2.05 -14.25
C THR B 307 -28.71 -2.28 -13.48
N PHE B 308 -28.73 -1.82 -12.23
CA PHE B 308 -27.58 -1.78 -11.33
C PHE B 308 -27.94 -2.37 -9.96
C ACT C . 10.98 -0.12 23.23
O ACT C . 10.66 0.95 22.69
OXT ACT C . 10.48 -0.65 24.25
CH3 ACT C . 12.18 -0.93 22.51
C1' 3HB D . 8.78 -3.48 21.16
O1' 3HB D . 8.19 -3.56 20.05
O2' 3HB D . 9.61 -2.56 21.39
C1 3HB D . 8.48 -4.50 22.23
C2 3HB D . 9.23 -4.38 23.53
C3 3HB D . 9.02 -5.24 24.50
C4 3HB D . 8.01 -6.36 24.28
C5 3HB D . 7.36 -6.47 23.15
C6 3HB D . 7.59 -5.46 22.02
O3 3HB D . 9.74 -5.07 25.69
C ACT E . -9.76 1.91 -23.87
O ACT E . -10.35 1.03 -24.56
OXT ACT E . -8.56 2.25 -23.89
CH3 ACT E . -10.66 2.71 -22.86
C1' 3HB F . -11.47 -1.11 -20.19
O1' 3HB F . -11.22 -0.05 -20.85
O2' 3HB F . -11.02 -1.28 -19.03
C1 3HB F . -12.31 -2.21 -20.80
C2 3HB F . -12.72 -2.08 -22.27
C3 3HB F . -13.45 -3.02 -22.82
C4 3HB F . -13.88 -4.23 -22.00
C5 3HB F . -13.53 -4.36 -20.73
C6 3HB F . -12.68 -3.26 -20.09
O3 3HB F . -13.80 -2.87 -24.17
#